data_4EJZ
#
_entry.id   4EJZ
#
_cell.length_a   56.805
_cell.length_b   103.596
_cell.length_c   66.725
_cell.angle_alpha   90.00
_cell.angle_beta   90.65
_cell.angle_gamma   90.00
#
_symmetry.space_group_name_H-M   'P 1 21 1'
#
loop_
_entity.id
_entity.type
_entity.pdbx_description
1 polymer '3-Methyladenine DNA glycosylase'
2 polymer "DNA (5'-D(*AP*GP*CP*GP*TP*CP*CP*AP*(3DR)P*GP*TP*CP*TP*AP*CP*C)-3')"
3 polymer "DNA (5'-D(*T*GP*GP*TP*AP*GP*AP*CP*TP*TP*GP*GP*AP*CP*GP*C)-3')"
#
loop_
_entity_poly.entity_id
_entity_poly.type
_entity_poly.pdbx_seq_one_letter_code
_entity_poly.pdbx_strand_id
1 'polypeptide(L)'
;MRGSHHHHHHGSMRMKYNVEEKGTKVIVRGIADFNLKETFESGQCFRWNEEEDGSYTGVAYDRVVNVKLEGDTLIIDNTN
LTDFYDIWFDYFDLGRDYGQIKESLSKDPVLKEAIKFGQGIRILRQDTWETLVSFIVSQNNRIPQIKKVIENLATSFGNP
IEYKGKIYYTFPKPEELVMYDVETIAKTRCGFRAKYIFDAASKVFSGEINLLKLHEYSTSEIRDILMTINGVGPKVADCV
ILYSIGRYDTFPTDVWIKRIVEHLYLKREGTPVEIQLFAIDKFGDLSGFAQQYLFYYGREMGKKIFGERKK
;
A,B
2 'polydeoxyribonucleotide' (DA)(DG)(DC)(DG)(DT)(DC)(DC)(DA)(3DR)(DG)(DT)(DC)(DT)(DA)(DC)(DC) C,E
3 'polydeoxyribonucleotide' (DT)(DG)(DG)(DT)(DA)(DG)(DA)(DC)(DT)(DT)(DG)(DG)(DA)(DC)(DG)(DC) D,F
#
loop_
_chem_comp.id
_chem_comp.type
_chem_comp.name
_chem_comp.formula
3DR DNA linking 1',2'-DIDEOXYRIBOFURANOSE-5'-PHOSPHATE 'C5 H11 O6 P'
DA DNA linking 2'-DEOXYADENOSINE-5'-MONOPHOSPHATE 'C10 H14 N5 O6 P'
DC DNA linking 2'-DEOXYCYTIDINE-5'-MONOPHOSPHATE 'C9 H14 N3 O7 P'
DG DNA linking 2'-DEOXYGUANOSINE-5'-MONOPHOSPHATE 'C10 H14 N5 O7 P'
DT DNA linking THYMIDINE-5'-MONOPHOSPHATE 'C10 H15 N2 O8 P'
#
# COMPACT_ATOMS: atom_id res chain seq x y z
N MET A 15 17.79 27.86 19.13
CA MET A 15 16.31 27.85 18.90
C MET A 15 15.56 27.55 20.19
N LYS A 16 14.60 28.40 20.52
CA LYS A 16 13.81 28.24 21.74
C LYS A 16 12.41 27.72 21.45
N TYR A 17 12.08 26.57 22.03
CA TYR A 17 10.77 25.95 21.85
C TYR A 17 10.08 25.67 23.18
N ASN A 18 8.76 25.73 23.16
CA ASN A 18 7.95 25.33 24.30
C ASN A 18 7.34 23.94 24.05
N VAL A 19 7.95 22.93 24.67
CA VAL A 19 7.59 21.54 24.42
C VAL A 19 6.72 20.97 25.55
N GLU A 20 5.73 20.16 25.17
CA GLU A 20 4.81 19.54 26.11
C GLU A 20 4.23 18.24 25.55
N GLU A 21 4.10 17.23 26.42
CA GLU A 21 3.41 15.99 26.06
C GLU A 21 1.93 16.10 26.40
N LYS A 22 1.08 15.77 25.43
CA LYS A 22 -0.36 15.93 25.54
C LYS A 22 -1.06 14.73 24.91
N GLY A 23 -1.52 13.80 25.75
CA GLY A 23 -2.14 12.57 25.26
C GLY A 23 -1.12 11.64 24.63
N THR A 24 -1.40 11.19 23.42
CA THR A 24 -0.48 10.32 22.69
C THR A 24 0.39 11.11 21.71
N LYS A 25 0.38 12.43 21.84
CA LYS A 25 1.13 13.32 20.95
C LYS A 25 2.03 14.29 21.71
N VAL A 26 2.99 14.88 20.99
CA VAL A 26 3.91 15.88 21.57
C VAL A 26 3.78 17.20 20.78
N ILE A 27 3.61 18.30 21.51
CA ILE A 27 3.39 19.62 20.91
C ILE A 27 4.61 20.52 21.06
N VAL A 28 5.02 21.13 19.95
CA VAL A 28 6.18 22.03 19.94
C VAL A 28 5.78 23.39 19.36
N ARG A 29 5.85 24.43 20.20
CA ARG A 29 5.47 25.78 19.79
C ARG A 29 6.67 26.71 19.79
N GLY A 30 6.74 27.56 18.78
CA GLY A 30 7.91 28.42 18.54
C GLY A 30 8.67 27.95 17.31
N ILE A 31 7.98 27.21 16.45
CA ILE A 31 8.55 26.67 15.22
C ILE A 31 8.78 27.79 14.21
N ALA A 32 9.98 27.80 13.63
CA ALA A 32 10.35 28.79 12.63
C ALA A 32 11.13 28.14 11.49
N ASP A 33 11.02 28.74 10.30
CA ASP A 33 11.74 28.29 9.09
C ASP A 33 11.52 26.80 8.81
N PHE A 34 10.26 26.37 8.92
CA PHE A 34 9.90 24.97 8.75
C PHE A 34 8.61 24.83 7.95
N ASN A 35 8.66 23.95 6.95
CA ASN A 35 7.49 23.59 6.16
C ASN A 35 7.58 22.12 5.79
N LEU A 36 6.52 21.37 6.07
CA LEU A 36 6.51 19.91 5.86
C LEU A 36 6.63 19.53 4.39
N LYS A 37 5.76 20.10 3.55
CA LYS A 37 5.77 19.81 2.12
C LYS A 37 7.14 20.07 1.49
N GLU A 38 7.71 21.24 1.79
CA GLU A 38 9.01 21.65 1.24
C GLU A 38 10.15 20.75 1.70
N THR A 39 10.09 20.31 2.95
CA THR A 39 11.13 19.45 3.54
C THR A 39 11.09 18.04 2.94
N PHE A 40 9.90 17.44 2.96
CA PHE A 40 9.71 16.06 2.51
C PHE A 40 9.74 15.89 0.98
N GLU A 41 9.75 16.99 0.25
CA GLU A 41 9.79 16.95 -1.21
C GLU A 41 11.00 17.70 -1.78
N SER A 42 12.03 17.87 -0.95
CA SER A 42 13.28 18.50 -1.36
C SER A 42 14.25 17.50 -1.97
N GLY A 43 13.83 16.24 -2.03
CA GLY A 43 14.62 15.18 -2.64
C GLY A 43 15.59 14.49 -1.71
N GLN A 44 15.44 14.72 -0.40
CA GLN A 44 16.33 14.12 0.60
C GLN A 44 15.77 12.82 1.18
N CYS A 45 14.45 12.75 1.35
CA CYS A 45 13.81 11.58 1.96
C CYS A 45 12.76 10.97 1.03
N PHE A 46 12.24 9.81 1.42
CA PHE A 46 11.35 9.03 0.54
C PHE A 46 10.17 8.35 1.25
N ARG A 47 10.22 8.29 2.58
CA ARG A 47 9.22 7.52 3.34
C ARG A 47 8.10 8.36 3.97
N TRP A 48 8.09 9.65 3.70
CA TRP A 48 7.05 10.53 4.22
C TRP A 48 5.98 10.82 3.18
N ASN A 49 4.72 10.61 3.57
CA ASN A 49 3.58 10.78 2.68
C ASN A 49 2.50 11.67 3.28
N GLU A 50 1.91 12.53 2.44
CA GLU A 50 0.91 13.49 2.88
C GLU A 50 -0.43 12.84 3.20
N GLU A 51 -0.99 13.19 4.34
CA GLU A 51 -2.34 12.78 4.72
C GLU A 51 -3.34 13.81 4.22
N GLU A 52 -4.63 13.45 4.25
CA GLU A 52 -5.69 14.27 3.66
C GLU A 52 -5.82 15.67 4.30
N ASP A 53 -5.45 15.77 5.57
CA ASP A 53 -5.49 17.06 6.29
C ASP A 53 -4.24 17.92 6.06
N GLY A 54 -3.32 17.42 5.23
CA GLY A 54 -2.08 18.14 4.94
C GLY A 54 -0.92 17.73 5.84
N SER A 55 -1.21 16.91 6.85
CA SER A 55 -0.19 16.36 7.74
C SER A 55 0.59 15.26 7.03
N TYR A 56 1.74 14.88 7.58
CA TYR A 56 2.58 13.86 6.98
C TYR A 56 2.82 12.67 7.91
N THR A 57 2.69 11.47 7.37
CA THR A 57 2.97 10.23 8.10
C THR A 57 4.22 9.57 7.52
N GLY A 58 5.15 9.19 8.40
CA GLY A 58 6.41 8.58 7.97
C GLY A 58 6.94 7.52 8.91
N VAL A 59 7.82 6.67 8.39
CA VAL A 59 8.46 5.62 9.16
C VAL A 59 9.97 5.81 9.19
N ALA A 60 10.48 6.19 10.36
CA ALA A 60 11.91 6.40 10.58
C ALA A 60 12.32 5.93 11.97
N TYR A 61 13.53 5.40 12.08
CA TYR A 61 14.10 4.91 13.35
C TYR A 61 13.22 3.87 14.06
N ASP A 62 12.64 2.96 13.28
CA ASP A 62 11.77 1.90 13.81
C ASP A 62 10.52 2.45 14.52
N ARG A 63 10.04 3.60 14.05
CA ARG A 63 8.85 4.24 14.60
C ARG A 63 7.96 4.76 13.46
N VAL A 64 6.66 4.84 13.73
CA VAL A 64 5.74 5.49 12.80
C VAL A 64 5.00 6.66 13.48
N VAL A 65 5.19 7.86 12.95
CA VAL A 65 4.60 9.06 13.52
C VAL A 65 3.89 9.90 12.48
N ASN A 66 2.94 10.73 12.94
CA ASN A 66 2.34 11.74 12.08
C ASN A 66 2.73 13.12 12.56
N VAL A 67 3.32 13.90 11.65
CA VAL A 67 3.67 15.29 11.95
C VAL A 67 2.69 16.25 11.27
N LYS A 68 2.25 17.24 12.03
CA LYS A 68 1.35 18.28 11.52
C LYS A 68 1.83 19.65 11.98
N LEU A 69 1.86 20.60 11.04
CA LEU A 69 2.31 21.96 11.35
C LEU A 69 1.19 22.96 11.13
N GLU A 70 0.80 23.63 12.21
CA GLU A 70 -0.23 24.67 12.16
C GLU A 70 0.36 26.00 12.61
N GLY A 71 0.83 26.80 11.65
CA GLY A 71 1.49 28.06 11.94
C GLY A 71 2.88 27.82 12.52
N ASP A 72 3.06 28.19 13.78
CA ASP A 72 4.32 27.95 14.50
C ASP A 72 4.18 26.81 15.52
N THR A 73 3.15 25.99 15.33
CA THR A 73 2.85 24.87 16.23
C THR A 73 2.99 23.53 15.51
N LEU A 74 3.88 22.68 16.02
CA LEU A 74 4.09 21.34 15.46
C LEU A 74 3.42 20.27 16.32
N ILE A 75 2.67 19.39 15.68
CA ILE A 75 1.95 18.32 16.36
C ILE A 75 2.45 16.96 15.87
N ILE A 76 3.18 16.27 16.74
CA ILE A 76 3.71 14.94 16.41
C ILE A 76 2.90 13.87 17.14
N ASP A 77 2.08 13.15 16.39
CA ASP A 77 1.22 12.11 16.96
C ASP A 77 1.96 10.76 17.08
N ASN A 78 1.47 9.92 17.99
CA ASN A 78 1.99 8.56 18.22
C ASN A 78 3.43 8.52 18.74
N THR A 79 3.77 9.48 19.60
CA THR A 79 5.10 9.54 20.20
C THR A 79 5.03 10.01 21.66
N ASN A 80 6.17 9.92 22.35
CA ASN A 80 6.30 10.39 23.72
C ASN A 80 7.48 11.35 23.89
N LEU A 81 7.55 11.98 25.05
CA LEU A 81 8.58 12.98 25.34
C LEU A 81 10.01 12.40 25.34
N THR A 82 10.11 11.10 25.58
CA THR A 82 11.40 10.40 25.50
C THR A 82 11.86 10.32 24.05
N ASP A 83 10.97 9.83 23.18
CA ASP A 83 11.28 9.67 21.75
C ASP A 83 11.47 11.00 21.01
N PHE A 84 10.79 12.05 21.47
CA PHE A 84 10.92 13.36 20.84
C PHE A 84 12.34 13.92 20.95
N TYR A 85 12.92 13.86 22.15
CA TYR A 85 14.26 14.38 22.37
C TYR A 85 15.35 13.42 21.88
N ASP A 86 15.10 12.12 22.02
CA ASP A 86 16.05 11.08 21.62
C ASP A 86 16.12 10.89 20.11
N ILE A 87 14.97 11.05 19.44
CA ILE A 87 14.90 10.80 17.99
C ILE A 87 14.51 12.05 17.19
N TRP A 88 13.31 12.57 17.44
CA TRP A 88 12.68 13.53 16.54
C TRP A 88 13.21 14.96 16.57
N PHE A 89 13.77 15.39 17.70
CA PHE A 89 14.36 16.72 17.80
C PHE A 89 15.51 16.84 16.80
N ASP A 90 16.41 15.86 16.84
CA ASP A 90 17.56 15.83 15.94
C ASP A 90 17.17 15.43 14.52
N TYR A 91 16.10 14.66 14.39
CA TYR A 91 15.63 14.21 13.08
C TYR A 91 15.21 15.37 12.19
N PHE A 92 14.41 16.28 12.75
CA PHE A 92 13.96 17.46 12.03
C PHE A 92 14.92 18.64 12.19
N ASP A 93 16.05 18.38 12.84
CA ASP A 93 17.12 19.37 13.04
C ASP A 93 16.55 20.68 13.59
N LEU A 94 15.90 20.58 14.74
CA LEU A 94 15.20 21.72 15.35
C LEU A 94 16.15 22.67 16.08
N GLY A 95 17.29 22.16 16.51
CA GLY A 95 18.28 22.97 17.26
C GLY A 95 18.94 24.07 16.46
N ARG A 96 19.00 23.90 15.15
CA ARG A 96 19.68 24.84 14.25
C ARG A 96 18.81 26.02 13.83
N ASP A 97 19.43 27.19 13.70
CA ASP A 97 18.78 28.40 13.22
C ASP A 97 18.93 28.52 11.71
N TYR A 98 17.82 28.28 11.00
CA TYR A 98 17.81 28.37 9.53
C TYR A 98 17.59 29.79 9.05
N GLY A 99 17.18 30.67 9.95
CA GLY A 99 17.00 32.09 9.64
C GLY A 99 18.31 32.80 9.36
N GLN A 100 19.35 32.44 10.12
CA GLN A 100 20.69 32.98 9.93
C GLN A 100 21.31 32.43 8.65
N ILE A 101 21.07 31.15 8.39
CA ILE A 101 21.55 30.47 7.17
C ILE A 101 20.94 31.12 5.93
N LYS A 102 19.62 31.35 5.97
CA LYS A 102 18.90 32.00 4.87
C LYS A 102 19.39 33.43 4.62
N GLU A 103 19.70 34.15 5.69
CA GLU A 103 20.21 35.52 5.59
C GLU A 103 21.62 35.55 4.99
N SER A 104 22.46 34.62 5.44
CA SER A 104 23.85 34.52 4.96
C SER A 104 23.92 34.18 3.48
N LEU A 105 23.14 33.18 3.06
CA LEU A 105 23.11 32.72 1.67
C LEU A 105 22.48 33.76 0.73
N SER A 106 21.55 34.54 1.25
CA SER A 106 20.83 35.55 0.47
C SER A 106 21.73 36.67 -0.07
N LYS A 107 22.96 36.74 0.44
CA LYS A 107 23.97 37.67 -0.06
C LYS A 107 24.34 37.36 -1.52
N ASP A 108 24.05 36.13 -1.94
CA ASP A 108 24.07 35.77 -3.36
C ASP A 108 22.65 35.95 -3.88
N PRO A 109 22.48 36.76 -4.95
CA PRO A 109 21.15 37.08 -5.48
C PRO A 109 20.39 35.87 -6.02
N VAL A 110 21.12 34.85 -6.46
CA VAL A 110 20.51 33.64 -7.04
C VAL A 110 19.82 32.81 -5.95
N LEU A 111 20.46 32.68 -4.79
CA LEU A 111 19.91 31.94 -3.67
C LEU A 111 18.76 32.66 -2.98
N LYS A 112 18.80 34.00 -2.97
CA LYS A 112 17.73 34.82 -2.41
C LYS A 112 16.41 34.53 -3.12
N GLU A 113 16.48 34.46 -4.44
CA GLU A 113 15.33 34.13 -5.29
C GLU A 113 14.90 32.68 -5.05
N ALA A 114 15.88 31.80 -4.86
CA ALA A 114 15.63 30.38 -4.60
C ALA A 114 14.99 30.14 -3.23
N ILE A 115 15.41 30.94 -2.25
CA ILE A 115 14.97 30.79 -0.87
C ILE A 115 13.50 31.14 -0.65
N LYS A 116 13.00 32.14 -1.37
CA LYS A 116 11.62 32.61 -1.22
C LYS A 116 10.57 31.54 -1.56
N PHE A 117 10.98 30.53 -2.32
CA PHE A 117 10.12 29.40 -2.68
C PHE A 117 10.22 28.25 -1.69
N GLY A 118 11.32 28.18 -0.95
CA GLY A 118 11.53 27.12 0.03
C GLY A 118 12.04 27.64 1.36
N GLN A 119 11.25 28.52 1.98
CA GLN A 119 11.62 29.14 3.24
C GLN A 119 11.62 28.17 4.43
N GLY A 120 10.99 27.01 4.25
CA GLY A 120 10.84 26.04 5.34
C GLY A 120 11.59 24.73 5.18
N ILE A 121 12.59 24.72 4.30
CA ILE A 121 13.39 23.52 4.07
C ILE A 121 14.41 23.34 5.18
N ARG A 122 14.34 22.21 5.87
CA ARG A 122 15.34 21.83 6.86
C ARG A 122 15.95 20.49 6.46
N ILE A 123 17.26 20.35 6.65
CA ILE A 123 17.93 19.10 6.33
C ILE A 123 17.74 18.09 7.46
N LEU A 124 17.03 17.01 7.15
CA LEU A 124 16.75 15.95 8.11
C LEU A 124 18.02 15.18 8.47
N ARG A 125 18.14 14.80 9.73
CA ARG A 125 19.21 13.92 10.16
C ARG A 125 18.68 12.50 10.25
N GLN A 126 18.73 11.79 9.12
CA GLN A 126 18.17 10.45 8.99
C GLN A 126 19.17 9.38 9.44
N ASP A 127 18.68 8.15 9.56
CA ASP A 127 19.51 7.01 9.95
C ASP A 127 20.54 6.68 8.87
N THR A 128 21.75 6.34 9.29
CA THR A 128 22.86 6.07 8.38
C THR A 128 22.57 4.89 7.44
N TRP A 129 22.07 3.79 7.99
CA TRP A 129 21.79 2.59 7.21
C TRP A 129 20.68 2.81 6.17
N GLU A 130 19.56 3.39 6.58
CA GLU A 130 18.44 3.66 5.67
C GLU A 130 18.86 4.60 4.55
N THR A 131 19.51 5.71 4.91
CA THR A 131 20.01 6.68 3.95
C THR A 131 20.91 6.01 2.90
N LEU A 132 21.83 5.17 3.38
CA LEU A 132 22.76 4.45 2.51
C LEU A 132 22.03 3.59 1.48
N VAL A 133 21.10 2.75 1.95
CA VAL A 133 20.37 1.86 1.07
C VAL A 133 19.38 2.64 0.18
N SER A 134 18.74 3.66 0.75
CA SER A 134 17.83 4.51 0.01
C SER A 134 18.49 5.15 -1.21
N PHE A 135 19.69 5.67 -1.03
CA PHE A 135 20.40 6.33 -2.12
C PHE A 135 21.21 5.37 -3.01
N ILE A 136 21.42 4.15 -2.53
CA ILE A 136 21.89 3.06 -3.39
C ILE A 136 20.81 2.76 -4.42
N VAL A 137 19.56 2.78 -3.97
CA VAL A 137 18.40 2.57 -4.84
C VAL A 137 18.19 3.76 -5.80
N SER A 138 18.67 4.93 -5.41
CA SER A 138 18.42 6.16 -6.15
C SER A 138 19.16 6.27 -7.49
N GLN A 139 20.29 5.57 -7.61
CA GLN A 139 21.12 5.64 -8.82
C GLN A 139 20.33 5.31 -10.09
N ASN A 140 20.51 6.15 -11.11
CA ASN A 140 19.81 6.04 -12.39
C ASN A 140 18.29 5.79 -12.28
N ASN A 141 17.67 6.44 -11.29
CA ASN A 141 16.28 6.16 -10.96
C ASN A 141 15.45 7.41 -10.63
N ARG A 142 14.23 7.46 -11.15
CA ARG A 142 13.29 8.54 -10.87
C ARG A 142 12.72 8.39 -9.45
N ILE A 143 12.29 9.50 -8.86
CA ILE A 143 11.80 9.53 -7.48
C ILE A 143 10.61 8.56 -7.21
N PRO A 144 9.55 8.61 -8.04
CA PRO A 144 8.42 7.69 -7.81
C PRO A 144 8.83 6.22 -7.66
N GLN A 145 9.78 5.76 -8.47
CA GLN A 145 10.27 4.38 -8.41
C GLN A 145 11.09 4.11 -7.14
N ILE A 146 11.96 5.06 -6.78
CA ILE A 146 12.75 4.97 -5.55
C ILE A 146 11.84 4.78 -4.34
N LYS A 147 10.80 5.62 -4.24
CA LYS A 147 9.81 5.53 -3.17
C LYS A 147 9.11 4.17 -3.13
N LYS A 148 8.87 3.60 -4.31
CA LYS A 148 8.19 2.32 -4.43
C LYS A 148 9.06 1.14 -4.03
N VAL A 149 10.34 1.17 -4.42
CA VAL A 149 11.29 0.11 -4.08
C VAL A 149 11.56 0.09 -2.57
N ILE A 150 11.74 1.26 -1.99
CA ILE A 150 11.99 1.40 -0.55
C ILE A 150 10.83 0.84 0.29
N GLU A 151 9.60 1.14 -0.12
CA GLU A 151 8.42 0.60 0.55
C GLU A 151 8.25 -0.90 0.34
N ASN A 152 8.75 -1.40 -0.79
CA ASN A 152 8.80 -2.84 -1.06
C ASN A 152 9.76 -3.55 -0.11
N LEU A 153 10.96 -2.99 0.06
CA LEU A 153 11.95 -3.49 1.01
C LEU A 153 11.40 -3.49 2.44
N ALA A 154 10.64 -2.44 2.77
CA ALA A 154 10.00 -2.33 4.08
C ALA A 154 8.94 -3.40 4.28
N THR A 155 8.03 -3.54 3.32
CA THR A 155 6.95 -4.52 3.39
C THR A 155 7.48 -5.97 3.38
N SER A 156 8.48 -6.22 2.54
CA SER A 156 9.03 -7.56 2.39
C SER A 156 9.87 -8.02 3.58
N PHE A 157 10.78 -7.14 4.04
CA PHE A 157 11.78 -7.55 5.03
C PHE A 157 11.74 -6.78 6.35
N GLY A 158 10.82 -5.82 6.46
CA GLY A 158 10.70 -5.00 7.66
C GLY A 158 9.89 -5.64 8.76
N ASN A 159 9.74 -4.91 9.87
CA ASN A 159 8.96 -5.37 11.01
C ASN A 159 7.67 -4.57 11.15
N PRO A 160 6.53 -5.25 11.35
CA PRO A 160 5.22 -4.58 11.39
C PRO A 160 5.00 -3.74 12.64
N ILE A 161 4.53 -2.51 12.42
CA ILE A 161 4.08 -1.63 13.50
C ILE A 161 2.78 -0.95 13.08
N GLU A 162 1.87 -0.77 14.02
CA GLU A 162 0.54 -0.23 13.71
C GLU A 162 0.28 1.16 14.29
N TYR A 163 -0.48 1.95 13.53
CA TYR A 163 -0.87 3.30 13.92
C TYR A 163 -2.19 3.64 13.25
N LYS A 164 -3.21 3.91 14.07
CA LYS A 164 -4.57 4.22 13.62
C LYS A 164 -5.20 3.13 12.75
N GLY A 165 -4.94 1.86 13.10
CA GLY A 165 -5.56 0.72 12.43
C GLY A 165 -4.80 0.16 11.24
N LYS A 166 -3.94 0.98 10.65
CA LYS A 166 -3.16 0.59 9.47
C LYS A 166 -1.78 0.05 9.88
N ILE A 167 -1.32 -0.97 9.16
CA ILE A 167 -0.02 -1.59 9.42
C ILE A 167 1.08 -0.93 8.60
N TYR A 168 2.12 -0.45 9.30
CA TYR A 168 3.30 0.14 8.68
C TYR A 168 4.51 -0.75 8.93
N TYR A 169 5.54 -0.58 8.11
CA TYR A 169 6.72 -1.45 8.18
C TYR A 169 8.01 -0.64 8.35
N THR A 170 8.86 -1.12 9.25
CA THR A 170 10.17 -0.51 9.49
C THR A 170 11.11 -0.79 8.33
N PHE A 171 12.17 0.02 8.19
CA PHE A 171 13.18 -0.24 7.18
C PHE A 171 14.11 -1.35 7.66
N PRO A 172 14.26 -2.41 6.84
CA PRO A 172 15.06 -3.58 7.18
C PRO A 172 16.50 -3.26 7.54
N LYS A 173 16.96 -3.82 8.65
CA LYS A 173 18.34 -3.71 9.10
C LYS A 173 19.23 -4.68 8.31
N PRO A 174 20.57 -4.51 8.37
CA PRO A 174 21.48 -5.42 7.66
C PRO A 174 21.32 -6.89 8.06
N GLU A 175 21.08 -7.14 9.35
CA GLU A 175 20.88 -8.49 9.86
C GLU A 175 19.60 -9.14 9.33
N GLU A 176 18.65 -8.30 8.92
CA GLU A 176 17.37 -8.76 8.39
C GLU A 176 17.38 -8.88 6.86
N LEU A 177 18.57 -8.74 6.27
CA LEU A 177 18.73 -8.77 4.81
C LEU A 177 19.74 -9.79 4.33
N VAL A 178 20.67 -10.17 5.20
CA VAL A 178 21.79 -11.05 4.83
C VAL A 178 21.40 -12.50 4.54
N MET A 179 20.30 -12.96 5.13
CA MET A 179 19.86 -14.35 4.95
C MET A 179 19.16 -14.61 3.62
N TYR A 180 18.96 -13.56 2.82
CA TYR A 180 18.32 -13.69 1.52
C TYR A 180 19.31 -13.59 0.37
N ASP A 181 19.02 -14.32 -0.70
CA ASP A 181 19.80 -14.25 -1.94
C ASP A 181 19.50 -12.97 -2.70
N VAL A 182 20.31 -12.70 -3.73
CA VAL A 182 20.15 -11.51 -4.58
C VAL A 182 18.79 -11.48 -5.26
N GLU A 183 18.35 -12.61 -5.78
CA GLU A 183 17.09 -12.74 -6.51
C GLU A 183 15.87 -12.42 -5.63
N THR A 184 15.96 -12.78 -4.34
CA THR A 184 14.92 -12.46 -3.36
C THR A 184 14.83 -10.95 -3.12
N ILE A 185 16.00 -10.31 -3.03
CA ILE A 185 16.09 -8.85 -2.90
C ILE A 185 15.58 -8.18 -4.17
N ALA A 186 15.91 -8.75 -5.32
CA ALA A 186 15.49 -8.24 -6.63
C ALA A 186 13.97 -8.19 -6.80
N LYS A 187 13.26 -8.96 -5.96
CA LYS A 187 11.79 -8.99 -5.98
C LYS A 187 11.15 -7.67 -5.53
N THR A 188 11.98 -6.75 -5.03
CA THR A 188 11.52 -5.42 -4.62
C THR A 188 11.46 -4.45 -5.80
N ARG A 189 11.74 -4.95 -7.01
CA ARG A 189 11.72 -4.18 -8.26
C ARG A 189 12.90 -3.21 -8.38
N CYS A 190 13.97 -3.49 -7.65
CA CYS A 190 15.15 -2.62 -7.64
C CYS A 190 16.09 -2.84 -8.84
N GLY A 191 15.93 -3.99 -9.51
CA GLY A 191 16.71 -4.30 -10.70
C GLY A 191 18.15 -4.68 -10.40
N PHE A 192 19.07 -4.16 -11.21
CA PHE A 192 20.51 -4.42 -11.07
C PHE A 192 21.09 -3.96 -9.73
N ARG A 193 20.31 -3.13 -9.02
CA ARG A 193 20.73 -2.58 -7.73
C ARG A 193 20.69 -3.59 -6.59
N ALA A 194 20.07 -4.75 -6.86
CA ALA A 194 19.92 -5.81 -5.86
C ALA A 194 21.25 -6.29 -5.28
N LYS A 195 22.25 -6.47 -6.16
CA LYS A 195 23.58 -6.93 -5.74
C LYS A 195 24.31 -5.89 -4.88
N TYR A 196 24.00 -4.61 -5.10
CA TYR A 196 24.58 -3.53 -4.31
C TYR A 196 24.03 -3.53 -2.89
N ILE A 197 22.72 -3.74 -2.77
CA ILE A 197 22.05 -3.87 -1.48
C ILE A 197 22.58 -5.11 -0.74
N PHE A 198 22.75 -6.21 -1.46
CA PHE A 198 23.29 -7.45 -0.92
C PHE A 198 24.71 -7.28 -0.40
N ASP A 199 25.54 -6.53 -1.15
CA ASP A 199 26.91 -6.26 -0.75
C ASP A 199 26.97 -5.27 0.41
N ALA A 200 26.07 -4.29 0.41
CA ALA A 200 25.99 -3.31 1.49
C ALA A 200 25.60 -3.96 2.81
N ALA A 201 24.59 -4.82 2.76
CA ALA A 201 24.10 -5.54 3.94
C ALA A 201 25.17 -6.48 4.51
N SER A 202 25.87 -7.18 3.62
CA SER A 202 26.94 -8.09 4.02
C SER A 202 28.08 -7.36 4.76
N LYS A 203 28.48 -6.21 4.23
CA LYS A 203 29.63 -5.47 4.76
C LYS A 203 29.38 -4.78 6.10
N VAL A 204 28.13 -4.36 6.34
CA VAL A 204 27.77 -3.74 7.61
C VAL A 204 27.54 -4.81 8.68
N PHE A 205 26.88 -5.89 8.28
CA PHE A 205 26.56 -7.02 9.17
C PHE A 205 27.81 -7.70 9.73
N SER A 206 28.83 -7.83 8.88
CA SER A 206 30.09 -8.46 9.28
C SER A 206 30.93 -7.58 10.20
N GLY A 207 30.54 -6.31 10.35
CA GLY A 207 31.30 -5.35 11.14
C GLY A 207 32.45 -4.74 10.36
N GLU A 208 32.55 -5.14 9.08
CA GLU A 208 33.58 -4.64 8.17
C GLU A 208 33.45 -3.13 7.94
N ILE A 209 32.22 -2.64 7.97
CA ILE A 209 31.93 -1.21 7.95
C ILE A 209 31.09 -0.85 9.17
N ASN A 210 31.65 -0.03 10.04
CA ASN A 210 30.97 0.42 11.25
C ASN A 210 30.26 1.75 11.01
N LEU A 211 28.95 1.74 11.12
CA LEU A 211 28.14 2.94 10.87
C LEU A 211 28.03 3.83 12.10
N LEU A 212 28.04 3.22 13.29
CA LEU A 212 27.97 3.96 14.55
C LEU A 212 29.19 4.82 14.78
N LYS A 213 30.35 4.35 14.35
CA LYS A 213 31.63 5.02 14.57
C LYS A 213 32.10 5.81 13.35
N LEU A 214 31.24 5.89 12.34
CA LEU A 214 31.57 6.50 11.05
C LEU A 214 31.75 8.02 11.12
N HIS A 215 31.09 8.65 12.10
CA HIS A 215 31.15 10.10 12.29
C HIS A 215 32.49 10.57 12.86
N GLU A 216 33.28 9.62 13.38
CA GLU A 216 34.60 9.92 13.96
C GLU A 216 35.63 10.32 12.90
N TYR A 217 35.46 9.78 11.69
CA TYR A 217 36.41 10.01 10.59
C TYR A 217 36.16 11.32 9.87
N SER A 218 37.15 11.77 9.12
CA SER A 218 37.03 12.97 8.29
C SER A 218 36.12 12.67 7.09
N THR A 219 35.61 13.74 6.46
CA THR A 219 34.69 13.62 5.33
C THR A 219 35.28 12.78 4.19
N SER A 220 36.54 13.04 3.86
CA SER A 220 37.24 12.30 2.79
C SER A 220 37.44 10.83 3.13
N GLU A 221 37.66 10.54 4.40
CA GLU A 221 37.80 9.16 4.89
C GLU A 221 36.49 8.40 4.76
N ILE A 222 35.39 9.05 5.14
CA ILE A 222 34.05 8.46 5.06
C ILE A 222 33.68 8.11 3.62
N ARG A 223 33.92 9.06 2.70
CA ARG A 223 33.71 8.85 1.27
C ARG A 223 34.38 7.56 0.80
N ASP A 224 35.64 7.37 1.20
CA ASP A 224 36.42 6.20 0.82
C ASP A 224 35.88 4.90 1.44
N ILE A 225 35.42 4.99 2.69
CA ILE A 225 34.88 3.84 3.42
C ILE A 225 33.61 3.30 2.76
N LEU A 226 32.70 4.22 2.42
CA LEU A 226 31.42 3.85 1.83
C LEU A 226 31.53 3.36 0.39
N MET A 227 32.46 3.96 -0.36
CA MET A 227 32.65 3.61 -1.77
C MET A 227 33.26 2.22 -1.98
N THR A 228 33.68 1.58 -0.89
CA THR A 228 34.19 0.21 -0.92
C THR A 228 33.06 -0.79 -1.22
N ILE A 229 31.85 -0.45 -0.77
CA ILE A 229 30.65 -1.19 -1.13
C ILE A 229 30.44 -1.07 -2.64
N ASN A 230 30.20 -2.22 -3.29
CA ASN A 230 29.88 -2.23 -4.71
C ASN A 230 28.56 -1.50 -4.95
N GLY A 231 28.58 -0.53 -5.84
CA GLY A 231 27.38 0.25 -6.18
C GLY A 231 27.30 1.60 -5.52
N VAL A 232 28.24 1.88 -4.61
CA VAL A 232 28.34 3.19 -3.99
C VAL A 232 29.50 3.95 -4.63
N GLY A 233 29.18 5.11 -5.20
CA GLY A 233 30.18 6.01 -5.75
C GLY A 233 30.20 7.31 -4.97
N PRO A 234 30.66 8.41 -5.61
CA PRO A 234 30.76 9.71 -4.96
C PRO A 234 29.41 10.27 -4.49
N LYS A 235 28.40 10.21 -5.36
CA LYS A 235 27.09 10.78 -5.08
C LYS A 235 26.39 10.13 -3.88
N VAL A 236 26.28 8.81 -3.89
CA VAL A 236 25.65 8.08 -2.79
C VAL A 236 26.35 8.42 -1.49
N ALA A 237 27.68 8.33 -1.50
CA ALA A 237 28.52 8.64 -0.35
C ALA A 237 28.27 10.06 0.17
N ASP A 238 28.16 11.02 -0.77
CA ASP A 238 27.91 12.42 -0.42
C ASP A 238 26.55 12.61 0.26
N CYS A 239 25.54 11.92 -0.23
CA CYS A 239 24.19 11.98 0.34
C CYS A 239 24.15 11.42 1.76
N VAL A 240 24.84 10.32 1.99
CA VAL A 240 24.97 9.73 3.32
C VAL A 240 25.70 10.71 4.24
N ILE A 241 26.74 11.36 3.71
CA ILE A 241 27.51 12.34 4.47
C ILE A 241 26.67 13.56 4.84
N LEU A 242 25.90 14.09 3.90
CA LEU A 242 25.07 15.26 4.16
C LEU A 242 23.82 14.93 4.97
N TYR A 243 23.01 14.01 4.48
CA TYR A 243 21.69 13.73 5.05
C TYR A 243 21.70 12.86 6.30
N SER A 244 22.82 12.19 6.56
CA SER A 244 22.90 11.30 7.73
C SER A 244 24.00 11.69 8.72
N ILE A 245 25.14 12.15 8.22
CA ILE A 245 26.27 12.53 9.09
C ILE A 245 26.15 14.00 9.50
N GLY A 246 25.65 14.84 8.59
CA GLY A 246 25.42 16.25 8.88
C GLY A 246 26.61 17.14 8.62
N ARG A 247 27.45 16.74 7.67
CA ARG A 247 28.57 17.56 7.22
C ARG A 247 28.06 18.49 6.12
N TYR A 248 27.85 19.76 6.48
CA TYR A 248 27.16 20.69 5.59
C TYR A 248 28.07 21.43 4.61
N ASP A 249 29.38 21.21 4.72
CA ASP A 249 30.33 21.79 3.77
C ASP A 249 30.44 20.96 2.48
N THR A 250 29.48 20.05 2.30
CA THR A 250 29.42 19.20 1.12
C THR A 250 28.32 19.64 0.18
N PHE A 251 28.50 19.34 -1.10
CA PHE A 251 27.53 19.69 -2.13
C PHE A 251 27.32 18.46 -3.03
N PRO A 252 26.38 17.57 -2.65
CA PRO A 252 26.10 16.38 -3.46
C PRO A 252 25.52 16.77 -4.81
N THR A 253 26.27 16.50 -5.88
CA THR A 253 25.89 16.93 -7.22
C THR A 253 25.23 15.84 -8.03
N ASP A 254 23.92 16.01 -8.25
CA ASP A 254 23.18 15.19 -9.20
C ASP A 254 22.99 15.99 -10.50
N VAL A 255 22.55 15.29 -11.54
CA VAL A 255 22.32 15.90 -12.85
C VAL A 255 21.47 17.17 -12.77
N TRP A 256 20.45 17.17 -11.91
CA TRP A 256 19.58 18.32 -11.72
C TRP A 256 20.32 19.56 -11.23
N ILE A 257 21.01 19.43 -10.10
CA ILE A 257 21.74 20.54 -9.51
C ILE A 257 22.89 21.00 -10.41
N LYS A 258 23.43 20.06 -11.19
CA LYS A 258 24.46 20.36 -12.18
C LYS A 258 23.90 21.35 -13.20
N ARG A 259 22.74 21.02 -13.76
CA ARG A 259 22.07 21.86 -14.74
C ARG A 259 21.54 23.17 -14.14
N ILE A 260 21.18 23.13 -12.86
CA ILE A 260 20.76 24.34 -12.14
C ILE A 260 21.94 25.30 -11.94
N VAL A 261 23.06 24.76 -11.46
CA VAL A 261 24.27 25.55 -11.24
C VAL A 261 24.87 26.00 -12.59
N GLU A 262 24.77 25.15 -13.61
CA GLU A 262 25.21 25.50 -14.97
C GLU A 262 24.43 26.70 -15.52
N HIS A 263 23.10 26.57 -15.55
CA HIS A 263 22.22 27.56 -16.14
C HIS A 263 22.22 28.90 -15.41
N LEU A 264 22.33 28.86 -14.08
CA LEU A 264 22.19 30.07 -13.26
C LEU A 264 23.50 30.79 -12.92
N TYR A 265 24.62 30.06 -12.89
CA TYR A 265 25.90 30.68 -12.52
C TYR A 265 26.90 30.77 -13.67
N LEU A 266 27.56 29.65 -13.97
CA LEU A 266 28.68 29.62 -14.91
C LEU A 266 28.27 29.95 -16.35
N LYS A 267 27.01 29.70 -16.67
CA LYS A 267 26.45 29.87 -18.02
C LYS A 267 27.21 29.10 -19.11
N ARG A 268 27.84 28.00 -18.70
CA ARG A 268 28.48 27.06 -19.61
C ARG A 268 28.03 25.63 -19.31
N GLU A 269 28.88 24.65 -19.66
CA GLU A 269 28.66 23.25 -19.29
C GLU A 269 29.85 22.75 -18.47
N GLY A 270 29.58 21.82 -17.55
CA GLY A 270 30.62 21.35 -16.65
C GLY A 270 30.53 19.91 -16.19
N THR A 271 31.66 19.39 -15.72
CA THR A 271 31.75 18.06 -15.12
C THR A 271 31.29 18.12 -13.65
N PRO A 272 30.71 17.02 -13.13
CA PRO A 272 30.24 16.97 -11.74
C PRO A 272 31.30 17.42 -10.73
N VAL A 273 32.57 17.29 -11.08
CA VAL A 273 33.69 17.67 -10.20
C VAL A 273 33.82 19.18 -10.04
N GLU A 274 33.88 19.89 -11.17
CA GLU A 274 34.08 21.35 -11.15
C GLU A 274 32.85 22.13 -10.69
N ILE A 275 31.67 21.56 -10.92
CA ILE A 275 30.42 22.13 -10.42
C ILE A 275 30.40 22.05 -8.88
N GLN A 276 30.88 20.93 -8.36
CA GLN A 276 30.95 20.69 -6.92
C GLN A 276 31.94 21.63 -6.24
N LEU A 277 33.12 21.79 -6.84
CA LEU A 277 34.18 22.63 -6.28
C LEU A 277 33.86 24.11 -6.36
N PHE A 278 33.00 24.50 -7.30
CA PHE A 278 32.53 25.87 -7.43
C PHE A 278 31.62 26.26 -6.27
N ALA A 279 30.73 25.34 -5.88
CA ALA A 279 29.74 25.61 -4.82
C ALA A 279 30.35 25.58 -3.42
N ILE A 280 31.18 24.58 -3.14
CA ILE A 280 31.86 24.47 -1.83
C ILE A 280 32.75 25.69 -1.58
N ASP A 281 33.36 26.19 -2.65
CA ASP A 281 34.15 27.43 -2.61
C ASP A 281 33.27 28.65 -2.31
N LYS A 282 32.14 28.74 -3.00
CA LYS A 282 31.25 29.90 -2.90
C LYS A 282 30.42 29.92 -1.61
N PHE A 283 29.95 28.75 -1.18
CA PHE A 283 29.02 28.67 -0.05
C PHE A 283 29.67 28.29 1.28
N GLY A 284 30.74 27.50 1.22
CA GLY A 284 31.48 27.10 2.41
C GLY A 284 30.73 26.09 3.26
N ASP A 285 30.59 26.39 4.55
CA ASP A 285 29.93 25.51 5.51
C ASP A 285 28.41 25.43 5.35
N LEU A 286 27.89 26.14 4.35
CA LEU A 286 26.44 26.20 4.13
C LEU A 286 26.02 25.60 2.78
N SER A 287 26.95 24.87 2.16
CA SER A 287 26.76 24.30 0.82
C SER A 287 25.59 23.30 0.76
N GLY A 288 25.42 22.52 1.82
CA GLY A 288 24.34 21.55 1.90
C GLY A 288 22.97 22.19 1.91
N PHE A 289 22.85 23.29 2.64
CA PHE A 289 21.61 24.07 2.71
C PHE A 289 21.32 24.74 1.37
N ALA A 290 22.35 25.30 0.76
CA ALA A 290 22.25 25.91 -0.56
C ALA A 290 21.80 24.89 -1.61
N GLN A 291 22.32 23.67 -1.49
CA GLN A 291 21.97 22.56 -2.39
C GLN A 291 20.48 22.22 -2.29
N GLN A 292 19.91 22.38 -1.10
CA GLN A 292 18.50 22.10 -0.87
C GLN A 292 17.59 23.18 -1.48
N TYR A 293 17.98 24.44 -1.31
CA TYR A 293 17.19 25.57 -1.82
C TYR A 293 17.17 25.61 -3.34
N LEU A 294 18.30 25.30 -3.96
CA LEU A 294 18.40 25.26 -5.42
C LEU A 294 17.65 24.08 -6.02
N PHE A 295 17.64 22.95 -5.32
CA PHE A 295 16.95 21.74 -5.76
C PHE A 295 15.44 21.97 -5.84
N TYR A 296 14.85 22.43 -4.74
CA TYR A 296 13.42 22.69 -4.67
C TYR A 296 13.01 23.85 -5.56
N TYR A 297 13.89 24.83 -5.70
CA TYR A 297 13.69 25.95 -6.64
C TYR A 297 13.76 25.45 -8.07
N GLY A 298 14.63 24.47 -8.32
CA GLY A 298 14.77 23.85 -9.63
C GLY A 298 13.53 23.09 -10.07
N ARG A 299 12.87 22.43 -9.12
CA ARG A 299 11.63 21.69 -9.39
C ARG A 299 10.45 22.66 -9.54
N GLU A 300 10.51 23.79 -8.85
CA GLU A 300 9.45 24.79 -8.88
C GLU A 300 9.43 25.57 -10.20
N MET A 301 10.60 25.73 -10.83
CA MET A 301 10.71 26.44 -12.10
C MET A 301 10.44 25.53 -13.30
N GLY A 302 10.72 24.23 -13.13
CA GLY A 302 10.50 23.24 -14.19
C GLY A 302 11.56 23.28 -15.26
N LYS A 303 12.56 22.42 -15.11
CA LYS A 303 13.64 22.29 -16.09
C LYS A 303 13.85 20.83 -16.49
O5' 3DR B 9 17.63 11.50 -12.13
P 3DR B 9 16.09 11.72 -12.55
OP1 3DR B 9 16.01 12.97 -13.40
OP2 3DR B 9 15.25 11.62 -11.31
C2' 3DR B 9 20.73 11.14 -13.87
C5' 3DR B 9 18.13 10.28 -11.57
C4' 3DR B 9 19.60 10.09 -11.97
O4' 3DR B 9 19.68 9.16 -13.06
C1' 3DR B 9 20.45 9.67 -14.15
C3' 3DR B 9 20.22 11.39 -12.46
O3' 3DR B 9 21.20 11.90 -11.54
N MET D 15 -19.61 1.35 12.81
CA MET D 15 -21.05 1.14 12.47
C MET D 15 -21.82 0.52 13.64
N LYS D 16 -22.92 1.15 14.03
CA LYS D 16 -23.75 0.69 15.14
C LYS D 16 -25.13 0.26 14.65
N TYR D 17 -25.48 -0.99 14.94
CA TYR D 17 -26.76 -1.54 14.52
C TYR D 17 -27.61 -1.99 15.70
N ASN D 18 -28.92 -1.72 15.60
CA ASN D 18 -29.89 -2.15 16.60
C ASN D 18 -30.53 -3.46 16.15
N VAL D 19 -30.05 -4.56 16.72
CA VAL D 19 -30.38 -5.91 16.26
C VAL D 19 -31.46 -6.59 17.11
N GLU D 20 -32.33 -7.37 16.45
CA GLU D 20 -33.44 -8.06 17.10
C GLU D 20 -33.74 -9.39 16.42
N GLU D 21 -33.84 -10.45 17.21
CA GLU D 21 -34.32 -11.75 16.74
C GLU D 21 -35.83 -11.83 17.00
N LYS D 22 -36.59 -12.00 15.92
CA LYS D 22 -38.05 -12.03 15.99
C LYS D 22 -38.59 -13.24 15.22
N GLY D 23 -38.81 -14.34 15.94
CA GLY D 23 -39.29 -15.57 15.33
C GLY D 23 -38.17 -16.39 14.73
N THR D 24 -38.27 -16.67 13.43
CA THR D 24 -37.24 -17.42 12.70
C THR D 24 -36.37 -16.49 11.85
N LYS D 25 -36.39 -15.20 12.17
CA LYS D 25 -35.64 -14.20 11.41
C LYS D 25 -34.97 -13.15 12.31
N VAL D 26 -33.91 -12.55 11.80
CA VAL D 26 -33.17 -11.51 12.50
C VAL D 26 -33.36 -10.16 11.80
N ILE D 27 -33.77 -9.15 12.58
CA ILE D 27 -34.00 -7.81 12.06
C ILE D 27 -32.85 -6.90 12.43
N VAL D 28 -32.25 -6.27 11.43
CA VAL D 28 -31.13 -5.34 11.64
C VAL D 28 -31.54 -3.95 11.16
N ARG D 29 -31.53 -2.98 12.06
CA ARG D 29 -31.95 -1.62 11.75
C ARG D 29 -30.82 -0.61 11.88
N GLY D 30 -30.81 0.36 10.98
CA GLY D 30 -29.74 1.37 10.90
C GLY D 30 -28.80 1.08 9.75
N ILE D 31 -29.29 0.31 8.79
CA ILE D 31 -28.50 -0.11 7.62
C ILE D 31 -28.17 1.08 6.72
N ALA D 32 -26.88 1.20 6.38
CA ALA D 32 -26.42 2.26 5.49
C ALA D 32 -25.44 1.72 4.45
N ASP D 33 -25.43 2.35 3.28
CA ASP D 33 -24.50 2.03 2.19
C ASP D 33 -24.66 0.60 1.66
N PHE D 34 -25.90 0.09 1.69
CA PHE D 34 -26.16 -1.29 1.32
C PHE D 34 -27.32 -1.42 0.32
N ASN D 35 -27.05 -2.15 -0.76
CA ASN D 35 -28.06 -2.52 -1.75
C ASN D 35 -27.82 -3.96 -2.15
N LEU D 36 -28.89 -4.75 -2.21
CA LEU D 36 -28.78 -6.18 -2.45
C LEU D 36 -28.38 -6.53 -3.89
N LYS D 37 -29.09 -5.96 -4.86
CA LYS D 37 -28.83 -6.22 -6.27
C LYS D 37 -27.43 -5.79 -6.67
N GLU D 38 -27.04 -4.58 -6.27
CA GLU D 38 -25.73 -4.01 -6.59
C GLU D 38 -24.58 -4.85 -6.03
N THR D 39 -24.76 -5.36 -4.80
CA THR D 39 -23.77 -6.20 -4.15
C THR D 39 -23.64 -7.56 -4.83
N PHE D 40 -24.78 -8.25 -4.96
CA PHE D 40 -24.81 -9.63 -5.43
C PHE D 40 -24.55 -9.81 -6.93
N GLU D 41 -24.57 -8.71 -7.67
CA GLU D 41 -24.32 -8.75 -9.11
C GLU D 41 -23.10 -7.92 -9.51
N SER D 42 -22.25 -7.61 -8.53
CA SER D 42 -21.01 -6.89 -8.77
C SER D 42 -19.88 -7.83 -9.20
N GLY D 43 -20.22 -9.08 -9.46
CA GLY D 43 -19.28 -10.09 -9.94
C GLY D 43 -18.36 -10.68 -8.89
N GLN D 44 -18.76 -10.61 -7.63
CA GLN D 44 -17.97 -11.18 -6.53
C GLN D 44 -18.49 -12.55 -6.07
N CYS D 45 -19.80 -12.74 -6.14
CA CYS D 45 -20.44 -13.99 -5.71
C CYS D 45 -21.31 -14.58 -6.82
N PHE D 46 -21.80 -15.80 -6.60
CA PHE D 46 -22.57 -16.51 -7.62
C PHE D 46 -23.77 -17.28 -7.08
N ARG D 47 -23.89 -17.38 -5.76
CA ARG D 47 -24.93 -18.21 -5.15
C ARG D 47 -26.12 -17.44 -4.58
N TRP D 48 -26.19 -16.14 -4.87
CA TRP D 48 -27.31 -15.31 -4.45
C TRP D 48 -28.23 -15.01 -5.61
N ASN D 49 -29.52 -15.32 -5.43
CA ASN D 49 -30.50 -15.20 -6.50
C ASN D 49 -31.75 -14.45 -6.06
N GLU D 50 -32.25 -13.59 -6.94
CA GLU D 50 -33.39 -12.72 -6.63
C GLU D 50 -34.72 -13.47 -6.63
N GLU D 51 -35.47 -13.31 -5.54
CA GLU D 51 -36.84 -13.80 -5.46
C GLU D 51 -37.79 -12.73 -6.02
N GLU D 52 -39.09 -12.99 -5.98
CA GLU D 52 -40.08 -12.09 -6.56
C GLU D 52 -40.21 -10.77 -5.80
N ASP D 53 -40.10 -10.86 -4.47
CA ASP D 53 -40.32 -9.71 -3.57
C ASP D 53 -39.13 -8.75 -3.49
N GLY D 54 -38.10 -8.99 -4.30
CA GLY D 54 -36.92 -8.14 -4.31
C GLY D 54 -35.84 -8.58 -3.34
N SER D 55 -36.16 -9.59 -2.52
CA SER D 55 -35.21 -10.18 -1.60
C SER D 55 -34.28 -11.14 -2.34
N TYR D 56 -33.26 -11.64 -1.63
CA TYR D 56 -32.31 -12.59 -2.22
C TYR D 56 -32.13 -13.82 -1.34
N THR D 57 -32.21 -15.00 -1.97
CA THR D 57 -31.93 -16.27 -1.31
C THR D 57 -30.54 -16.75 -1.72
N GLY D 58 -29.70 -17.08 -0.74
CA GLY D 58 -28.35 -17.53 -0.99
C GLY D 58 -27.88 -18.65 -0.08
N VAL D 59 -26.87 -19.38 -0.54
CA VAL D 59 -26.27 -20.47 0.24
C VAL D 59 -24.81 -20.15 0.55
N ALA D 60 -24.54 -19.91 1.83
CA ALA D 60 -23.18 -19.61 2.29
C ALA D 60 -22.93 -20.18 3.68
N TYR D 61 -21.69 -20.62 3.90
CA TYR D 61 -21.24 -21.19 5.19
C TYR D 61 -22.16 -22.30 5.72
N ASP D 62 -22.55 -23.21 4.83
CA ASP D 62 -23.44 -24.33 5.16
C ASP D 62 -24.80 -23.90 5.72
N ARG D 63 -25.28 -22.74 5.27
CA ARG D 63 -26.59 -22.22 5.65
C ARG D 63 -27.32 -21.72 4.40
N VAL D 64 -28.66 -21.70 4.47
CA VAL D 64 -29.47 -21.05 3.44
C VAL D 64 -30.40 -20.01 4.07
N VAL D 65 -30.28 -18.77 3.60
CA VAL D 65 -31.01 -17.64 4.18
C VAL D 65 -31.65 -16.76 3.11
N ASN D 66 -32.67 -16.01 3.50
CA ASN D 66 -33.28 -15.00 2.65
C ASN D 66 -33.11 -13.60 3.23
N VAL D 67 -32.29 -12.79 2.58
CA VAL D 67 -32.07 -11.40 3.02
C VAL D 67 -32.98 -10.43 2.28
N LYS D 68 -33.65 -9.56 3.04
CA LYS D 68 -34.51 -8.53 2.46
C LYS D 68 -34.18 -7.17 3.06
N LEU D 69 -34.14 -6.15 2.21
CA LEU D 69 -33.85 -4.79 2.65
C LEU D 69 -35.03 -3.86 2.42
N GLU D 70 -35.43 -3.14 3.48
CA GLU D 70 -36.52 -2.18 3.41
C GLU D 70 -36.11 -0.87 4.09
N GLY D 71 -35.70 0.10 3.27
CA GLY D 71 -35.21 1.38 3.76
C GLY D 71 -33.86 1.22 4.42
N ASP D 72 -33.82 1.37 5.73
CA ASP D 72 -32.60 1.16 6.51
C ASP D 72 -32.75 -0.06 7.43
N THR D 73 -33.47 -1.07 6.95
CA THR D 73 -33.77 -2.26 7.73
C THR D 73 -33.53 -3.54 6.92
N LEU D 74 -32.73 -4.45 7.50
CA LEU D 74 -32.44 -5.73 6.87
C LEU D 74 -33.11 -6.88 7.63
N ILE D 75 -33.97 -7.61 6.92
CA ILE D 75 -34.63 -8.80 7.46
C ILE D 75 -33.98 -10.05 6.89
N ILE D 76 -33.37 -10.84 7.77
CA ILE D 76 -32.70 -12.07 7.37
C ILE D 76 -33.50 -13.27 7.88
N ASP D 77 -34.20 -13.94 6.98
CA ASP D 77 -35.03 -15.09 7.32
C ASP D 77 -34.22 -16.38 7.39
N ASN D 78 -34.72 -17.34 8.18
CA ASN D 78 -34.10 -18.66 8.35
C ASN D 78 -32.74 -18.63 9.05
N THR D 79 -32.67 -17.85 10.13
CA THR D 79 -31.44 -17.71 10.91
C THR D 79 -31.73 -17.29 12.35
N ASN D 80 -30.69 -17.35 13.19
CA ASN D 80 -30.80 -16.93 14.59
C ASN D 80 -29.76 -15.88 14.95
N LEU D 81 -29.76 -15.46 16.21
CA LEU D 81 -28.85 -14.43 16.70
C LEU D 81 -27.40 -14.89 16.70
N THR D 82 -27.17 -16.16 17.04
CA THR D 82 -25.82 -16.73 17.06
C THR D 82 -25.25 -16.82 15.64
N ASP D 83 -26.07 -17.31 14.71
CA ASP D 83 -25.69 -17.40 13.29
C ASP D 83 -25.43 -16.03 12.68
N PHE D 84 -26.26 -15.05 13.06
CA PHE D 84 -26.11 -13.68 12.55
C PHE D 84 -24.75 -13.08 12.90
N TYR D 85 -24.37 -13.17 14.17
CA TYR D 85 -23.13 -12.57 14.64
C TYR D 85 -21.90 -13.38 14.19
N ASP D 86 -21.99 -14.70 14.29
CA ASP D 86 -20.88 -15.58 13.94
C ASP D 86 -20.58 -15.60 12.44
N ILE D 87 -21.63 -15.52 11.62
CA ILE D 87 -21.48 -15.67 10.17
C ILE D 87 -21.85 -14.40 9.39
N TRP D 88 -23.09 -13.95 9.53
CA TRP D 88 -23.68 -12.97 8.62
C TRP D 88 -23.21 -11.53 8.78
N PHE D 89 -22.99 -11.11 10.03
CA PHE D 89 -22.48 -9.77 10.31
C PHE D 89 -21.22 -9.50 9.48
N ASP D 90 -20.24 -10.41 9.60
CA ASP D 90 -18.98 -10.31 8.87
C ASP D 90 -19.13 -10.56 7.39
N TYR D 91 -20.01 -11.50 7.03
CA TYR D 91 -20.23 -11.86 5.63
C TYR D 91 -20.57 -10.64 4.79
N PHE D 92 -21.51 -9.83 5.26
CA PHE D 92 -21.93 -8.62 4.55
C PHE D 92 -21.09 -7.39 4.92
N ASP D 93 -20.01 -7.63 5.66
CA ASP D 93 -19.07 -6.58 6.10
C ASP D 93 -19.77 -5.39 6.77
N LEU D 94 -20.69 -5.72 7.68
CA LEU D 94 -21.54 -4.72 8.34
C LEU D 94 -20.76 -3.71 9.19
N GLY D 95 -19.67 -4.17 9.81
CA GLY D 95 -18.85 -3.33 10.68
C GLY D 95 -18.21 -2.13 9.98
N ARG D 96 -17.91 -2.27 8.70
CA ARG D 96 -17.18 -1.24 7.95
C ARG D 96 -18.06 -0.06 7.53
N ASP D 97 -17.49 1.14 7.63
CA ASP D 97 -18.14 2.38 7.23
C ASP D 97 -17.84 2.68 5.76
N TYR D 98 -18.79 2.31 4.89
CA TYR D 98 -18.65 2.52 3.45
C TYR D 98 -18.91 3.95 3.02
N GLY D 99 -19.63 4.70 3.86
CA GLY D 99 -19.87 6.12 3.64
C GLY D 99 -18.59 6.91 3.66
N GLN D 100 -17.65 6.49 4.52
CA GLN D 100 -16.32 7.07 4.59
C GLN D 100 -15.48 6.67 3.37
N ILE D 101 -15.66 5.43 2.91
CA ILE D 101 -14.96 4.91 1.74
C ILE D 101 -15.39 5.65 0.48
N LYS D 102 -16.70 5.81 0.31
CA LYS D 102 -17.27 6.54 -0.83
C LYS D 102 -16.83 8.00 -0.85
N GLU D 103 -16.68 8.60 0.34
CA GLU D 103 -16.24 9.99 0.48
C GLU D 103 -14.78 10.18 0.06
N SER D 104 -13.93 9.26 0.50
CA SER D 104 -12.50 9.30 0.17
C SER D 104 -12.23 9.04 -1.30
N LEU D 105 -13.04 8.16 -1.90
CA LEU D 105 -12.89 7.81 -3.31
C LEU D 105 -13.53 8.85 -4.24
N SER D 106 -14.49 9.61 -3.72
CA SER D 106 -15.19 10.63 -4.51
C SER D 106 -14.35 11.86 -4.82
N LYS D 107 -13.10 11.86 -4.35
CA LYS D 107 -12.14 12.92 -4.68
C LYS D 107 -11.59 12.71 -6.09
N ASP D 108 -11.59 11.46 -6.53
CA ASP D 108 -11.32 11.12 -7.93
C ASP D 108 -12.60 11.35 -8.74
N PRO D 109 -12.49 12.13 -9.84
CA PRO D 109 -13.65 12.45 -10.69
C PRO D 109 -14.29 11.21 -11.32
N VAL D 110 -13.47 10.28 -11.79
CA VAL D 110 -13.95 9.07 -12.46
C VAL D 110 -14.72 8.16 -11.48
N LEU D 111 -14.27 8.11 -10.23
CA LEU D 111 -14.94 7.31 -9.20
C LEU D 111 -16.20 7.98 -8.65
N LYS D 112 -16.22 9.31 -8.63
CA LYS D 112 -17.38 10.06 -8.16
C LYS D 112 -18.59 9.80 -9.05
N GLU D 113 -18.36 9.67 -10.35
CA GLU D 113 -19.40 9.33 -11.32
C GLU D 113 -19.87 7.89 -11.13
N ALA D 114 -18.91 6.97 -10.95
CA ALA D 114 -19.19 5.55 -10.79
C ALA D 114 -19.93 5.22 -9.49
N ILE D 115 -19.63 5.96 -8.43
CA ILE D 115 -20.18 5.71 -7.10
C ILE D 115 -21.69 5.95 -6.97
N LYS D 116 -22.21 6.94 -7.71
CA LYS D 116 -23.64 7.24 -7.69
C LYS D 116 -24.49 6.09 -8.26
N PHE D 117 -23.87 5.25 -9.08
CA PHE D 117 -24.52 4.06 -9.64
C PHE D 117 -24.44 2.86 -8.72
N GLY D 118 -23.44 2.84 -7.83
CA GLY D 118 -23.23 1.71 -6.94
C GLY D 118 -23.01 2.09 -5.49
N GLN D 119 -23.92 2.88 -4.95
CA GLN D 119 -23.85 3.34 -3.55
C GLN D 119 -23.94 2.21 -2.53
N GLY D 120 -24.67 1.16 -2.88
CA GLY D 120 -24.94 0.08 -1.94
C GLY D 120 -24.07 -1.16 -2.05
N ILE D 121 -22.99 -1.07 -2.82
CA ILE D 121 -22.07 -2.20 -3.00
C ILE D 121 -21.18 -2.39 -1.77
N ARG D 122 -21.26 -3.58 -1.18
CA ARG D 122 -20.38 -3.98 -0.09
C ARG D 122 -19.58 -5.21 -0.52
N ILE D 123 -18.33 -5.29 -0.08
CA ILE D 123 -17.50 -6.46 -0.39
C ILE D 123 -17.73 -7.55 0.65
N LEU D 124 -18.24 -8.68 0.19
CA LEU D 124 -18.55 -9.83 1.05
C LEU D 124 -17.29 -10.51 1.57
N ARG D 125 -17.34 -10.96 2.82
CA ARG D 125 -16.27 -11.76 3.40
C ARG D 125 -16.65 -13.23 3.33
N GLN D 126 -16.48 -13.81 2.14
CA GLN D 126 -16.88 -15.18 1.85
C GLN D 126 -15.87 -16.21 2.36
N ASP D 127 -16.29 -17.48 2.38
CA ASP D 127 -15.42 -18.60 2.73
C ASP D 127 -14.30 -18.74 1.70
N THR D 128 -13.09 -19.03 2.17
CA THR D 128 -11.92 -19.13 1.31
C THR D 128 -12.02 -20.27 0.29
N TRP D 129 -12.42 -21.45 0.77
CA TRP D 129 -12.52 -22.63 -0.09
C TRP D 129 -13.50 -22.44 -1.26
N GLU D 130 -14.72 -21.99 -0.95
CA GLU D 130 -15.73 -21.76 -1.98
C GLU D 130 -15.25 -20.73 -3.00
N THR D 131 -14.76 -19.60 -2.49
CA THR D 131 -14.22 -18.53 -3.34
C THR D 131 -13.12 -19.06 -4.27
N LEU D 132 -12.22 -19.88 -3.71
CA LEU D 132 -11.11 -20.47 -4.46
C LEU D 132 -11.61 -21.33 -5.61
N VAL D 133 -12.58 -22.20 -5.34
CA VAL D 133 -13.14 -23.07 -6.37
C VAL D 133 -13.97 -22.26 -7.36
N SER D 134 -14.84 -21.40 -6.83
CA SER D 134 -15.73 -20.56 -7.64
C SER D 134 -14.97 -19.77 -8.71
N PHE D 135 -13.84 -19.20 -8.33
CA PHE D 135 -13.03 -18.41 -9.27
C PHE D 135 -12.04 -19.22 -10.10
N ILE D 136 -11.84 -20.48 -9.72
CA ILE D 136 -11.19 -21.45 -10.61
C ILE D 136 -12.16 -21.76 -11.75
N VAL D 137 -13.44 -21.92 -11.40
CA VAL D 137 -14.51 -22.17 -12.36
C VAL D 137 -14.75 -20.95 -13.25
N SER D 138 -14.36 -19.78 -12.77
CA SER D 138 -14.64 -18.51 -13.46
C SER D 138 -13.73 -18.22 -14.65
N GLN D 139 -12.60 -18.93 -14.76
CA GLN D 139 -11.61 -18.64 -15.80
C GLN D 139 -12.13 -18.92 -17.22
N ASN D 140 -11.94 -17.94 -18.11
CA ASN D 140 -12.42 -18.00 -19.49
C ASN D 140 -13.90 -18.39 -19.58
N ASN D 141 -14.72 -17.73 -18.75
CA ASN D 141 -16.10 -18.14 -18.56
C ASN D 141 -17.06 -16.99 -18.27
N ARG D 142 -18.26 -17.07 -18.84
CA ARG D 142 -19.32 -16.08 -18.63
C ARG D 142 -20.06 -16.36 -17.33
N ILE D 143 -20.53 -15.30 -16.68
CA ILE D 143 -21.22 -15.39 -15.38
C ILE D 143 -22.39 -16.40 -15.32
N PRO D 144 -23.28 -16.42 -16.35
CA PRO D 144 -24.39 -17.39 -16.31
C PRO D 144 -23.96 -18.86 -16.26
N GLN D 145 -22.91 -19.22 -16.99
CA GLN D 145 -22.37 -20.58 -16.98
C GLN D 145 -21.68 -20.90 -15.65
N ILE D 146 -20.91 -19.94 -15.16
CA ILE D 146 -20.22 -20.05 -13.86
C ILE D 146 -21.22 -20.42 -12.75
N LYS D 147 -22.36 -19.74 -12.74
CA LYS D 147 -23.42 -19.99 -11.76
C LYS D 147 -23.98 -21.41 -11.89
N LYS D 148 -24.12 -21.89 -13.12
CA LYS D 148 -24.67 -23.21 -13.39
C LYS D 148 -23.74 -24.34 -12.96
N VAL D 149 -22.43 -24.17 -13.21
CA VAL D 149 -21.43 -25.16 -12.80
C VAL D 149 -21.30 -25.23 -11.27
N ILE D 150 -21.34 -24.07 -10.63
CA ILE D 150 -21.25 -23.98 -9.17
C ILE D 150 -22.44 -24.66 -8.50
N GLU D 151 -23.65 -24.43 -9.02
CA GLU D 151 -24.85 -25.08 -8.50
C GLU D 151 -24.81 -26.59 -8.75
N ASN D 152 -24.15 -26.99 -9.84
CA ASN D 152 -23.94 -28.41 -10.13
C ASN D 152 -23.04 -29.09 -9.10
N LEU D 153 -21.97 -28.40 -8.70
CA LEU D 153 -21.05 -28.89 -7.67
C LEU D 153 -21.75 -29.02 -6.32
N ALA D 154 -22.64 -28.07 -6.03
CA ALA D 154 -23.43 -28.09 -4.81
C ALA D 154 -24.42 -29.26 -4.83
N THR D 155 -25.06 -29.47 -5.99
CA THR D 155 -26.05 -30.53 -6.15
C THR D 155 -25.43 -31.93 -6.13
N SER D 156 -24.36 -32.12 -6.90
CA SER D 156 -23.73 -33.42 -7.05
C SER D 156 -22.90 -33.87 -5.84
N PHE D 157 -22.26 -32.91 -5.17
CA PHE D 157 -21.30 -33.24 -4.11
C PHE D 157 -21.63 -32.65 -2.74
N GLY D 158 -22.58 -31.72 -2.70
CA GLY D 158 -22.92 -31.02 -1.45
C GLY D 158 -23.93 -31.74 -0.58
N ASN D 159 -24.28 -31.11 0.53
CA ASN D 159 -25.25 -31.66 1.49
C ASN D 159 -26.59 -30.94 1.41
N PRO D 160 -27.71 -31.68 1.55
CA PRO D 160 -29.03 -31.06 1.45
C PRO D 160 -29.47 -30.33 2.72
N ILE D 161 -29.99 -29.12 2.54
CA ILE D 161 -30.66 -28.36 3.60
C ILE D 161 -31.90 -27.69 3.03
N GLU D 162 -33.00 -27.70 3.79
CA GLU D 162 -34.27 -27.21 3.27
C GLU D 162 -34.70 -25.85 3.82
N TYR D 163 -35.40 -25.09 2.99
CA TYR D 163 -35.96 -23.80 3.36
C TYR D 163 -37.23 -23.54 2.55
N LYS D 164 -38.34 -23.32 3.25
CA LYS D 164 -39.66 -23.12 2.66
C LYS D 164 -40.07 -24.26 1.71
N GLY D 165 -39.82 -25.50 2.13
CA GLY D 165 -40.19 -26.68 1.37
C GLY D 165 -39.36 -26.92 0.11
N LYS D 166 -38.33 -26.10 -0.08
CA LYS D 166 -37.41 -26.26 -1.21
C LYS D 166 -36.03 -26.70 -0.72
N ILE D 167 -35.45 -27.67 -1.41
CA ILE D 167 -34.15 -28.23 -1.04
C ILE D 167 -32.99 -27.41 -1.62
N TYR D 168 -32.09 -26.99 -0.75
CA TYR D 168 -30.86 -26.31 -1.15
C TYR D 168 -29.65 -27.17 -0.80
N TYR D 169 -28.56 -26.96 -1.51
CA TYR D 169 -27.34 -27.75 -1.30
C TYR D 169 -26.15 -26.88 -0.93
N THR D 170 -25.40 -27.32 0.08
CA THR D 170 -24.19 -26.62 0.53
C THR D 170 -23.07 -26.82 -0.48
N PHE D 171 -22.09 -25.91 -0.45
CA PHE D 171 -20.93 -26.03 -1.33
C PHE D 171 -20.01 -27.14 -0.81
N PRO D 172 -19.56 -28.04 -1.71
CA PRO D 172 -18.71 -29.17 -1.35
C PRO D 172 -17.39 -28.76 -0.70
N LYS D 173 -17.08 -29.39 0.42
CA LYS D 173 -15.80 -29.21 1.12
C LYS D 173 -14.74 -30.04 0.40
N PRO D 174 -13.44 -29.76 0.67
CA PRO D 174 -12.37 -30.55 0.06
C PRO D 174 -12.50 -32.06 0.34
N GLU D 175 -12.91 -32.40 1.56
CA GLU D 175 -13.12 -33.79 1.96
C GLU D 175 -14.31 -34.45 1.26
N GLU D 176 -15.14 -33.63 0.62
CA GLU D 176 -16.32 -34.10 -0.09
C GLU D 176 -16.08 -34.19 -1.61
N LEU D 177 -14.84 -33.89 -2.02
CA LEU D 177 -14.48 -33.88 -3.44
C LEU D 177 -13.28 -34.76 -3.78
N VAL D 178 -12.48 -35.12 -2.77
CA VAL D 178 -11.22 -35.83 -2.99
C VAL D 178 -11.39 -37.28 -3.44
N MET D 179 -12.51 -37.91 -3.08
CA MET D 179 -12.74 -39.32 -3.41
C MET D 179 -13.31 -39.52 -4.82
N TYR D 180 -13.48 -38.42 -5.56
CA TYR D 180 -13.99 -38.48 -6.92
C TYR D 180 -12.91 -38.19 -7.95
N ASP D 181 -12.92 -38.95 -9.04
CA ASP D 181 -11.98 -38.76 -10.14
C ASP D 181 -12.33 -37.54 -10.98
N VAL D 182 -11.44 -37.18 -11.89
CA VAL D 182 -11.59 -36.00 -12.75
C VAL D 182 -12.84 -36.09 -13.63
N GLU D 183 -13.13 -37.27 -14.14
CA GLU D 183 -14.28 -37.51 -15.02
C GLU D 183 -15.61 -37.26 -14.34
N THR D 184 -15.70 -37.63 -13.05
CA THR D 184 -16.91 -37.44 -12.25
C THR D 184 -17.13 -35.95 -11.96
N ILE D 185 -16.05 -35.22 -11.73
CA ILE D 185 -16.11 -33.77 -11.51
C ILE D 185 -16.53 -33.06 -12.80
N ALA D 186 -16.00 -33.52 -13.93
CA ALA D 186 -16.29 -32.93 -15.25
C ALA D 186 -17.78 -32.94 -15.62
N LYS D 187 -18.54 -33.79 -14.93
CA LYS D 187 -20.00 -33.89 -15.12
C LYS D 187 -20.75 -32.64 -14.67
N THR D 188 -20.03 -31.71 -14.03
CA THR D 188 -20.59 -30.43 -13.62
C THR D 188 -20.56 -29.41 -14.76
N ARG D 189 -20.07 -29.87 -15.92
CA ARG D 189 -19.95 -29.05 -17.14
C ARG D 189 -18.88 -27.96 -17.00
N CYS D 190 -17.89 -28.21 -16.14
CA CYS D 190 -16.79 -27.27 -15.94
C CYS D 190 -15.71 -27.41 -17.01
N GLY D 191 -15.76 -28.51 -17.75
CA GLY D 191 -14.85 -28.75 -18.86
C GLY D 191 -13.44 -29.07 -18.42
N PHE D 192 -12.47 -28.36 -19.01
CA PHE D 192 -11.05 -28.57 -18.71
C PHE D 192 -10.68 -28.21 -17.27
N ARG D 193 -11.50 -27.36 -16.65
CA ARG D 193 -11.29 -26.89 -15.27
C ARG D 193 -11.38 -28.01 -14.23
N ALA D 194 -11.98 -29.14 -14.62
CA ALA D 194 -12.16 -30.29 -13.72
C ALA D 194 -10.88 -30.73 -13.02
N LYS D 195 -9.76 -30.73 -13.76
CA LYS D 195 -8.46 -31.12 -13.21
C LYS D 195 -7.92 -30.11 -12.20
N TYR D 196 -8.27 -28.84 -12.39
CA TYR D 196 -7.84 -27.77 -11.48
C TYR D 196 -8.55 -27.88 -10.13
N ILE D 197 -9.85 -28.13 -10.18
CA ILE D 197 -10.66 -28.36 -8.98
C ILE D 197 -10.18 -29.61 -8.25
N PHE D 198 -9.85 -30.65 -9.03
CA PHE D 198 -9.29 -31.89 -8.49
C PHE D 198 -7.99 -31.64 -7.75
N ASP D 199 -7.13 -30.81 -8.33
CA ASP D 199 -5.84 -30.45 -7.73
C ASP D 199 -6.03 -29.54 -6.52
N ALA D 200 -7.03 -28.66 -6.59
CA ALA D 200 -7.38 -27.77 -5.47
C ALA D 200 -7.84 -28.56 -4.26
N ALA D 201 -8.71 -29.54 -4.49
CA ALA D 201 -9.21 -30.42 -3.44
C ALA D 201 -8.11 -31.27 -2.83
N SER D 202 -7.27 -31.83 -3.70
CA SER D 202 -6.15 -32.68 -3.29
C SER D 202 -5.19 -31.94 -2.36
N LYS D 203 -4.80 -30.74 -2.75
CA LYS D 203 -3.80 -29.94 -2.01
C LYS D 203 -4.29 -29.42 -0.67
N VAL D 204 -5.58 -29.05 -0.59
CA VAL D 204 -6.16 -28.53 0.65
C VAL D 204 -6.46 -29.67 1.64
N PHE D 205 -7.03 -30.75 1.14
CA PHE D 205 -7.38 -31.91 1.95
C PHE D 205 -6.15 -32.59 2.56
N SER D 206 -5.04 -32.57 1.84
CA SER D 206 -3.79 -33.17 2.30
C SER D 206 -3.05 -32.30 3.32
N GLY D 207 -3.56 -31.10 3.56
CA GLY D 207 -2.93 -30.16 4.50
C GLY D 207 -1.71 -29.47 3.90
N GLU D 208 -1.51 -29.68 2.60
CA GLU D 208 -0.42 -29.08 1.84
C GLU D 208 -0.60 -27.56 1.77
N ILE D 209 -1.85 -27.12 1.63
CA ILE D 209 -2.21 -25.71 1.75
C ILE D 209 -3.22 -25.55 2.89
N ASN D 210 -2.87 -24.70 3.85
CA ASN D 210 -3.74 -24.44 4.99
C ASN D 210 -4.51 -23.13 4.82
N LEU D 211 -5.82 -23.24 4.66
CA LEU D 211 -6.69 -22.08 4.43
C LEU D 211 -7.00 -21.33 5.72
N LEU D 212 -6.99 -22.04 6.85
CA LEU D 212 -7.23 -21.44 8.15
C LEU D 212 -6.15 -20.43 8.54
N LYS D 213 -4.90 -20.85 8.41
CA LYS D 213 -3.74 -20.04 8.82
C LYS D 213 -3.20 -19.20 7.65
N LEU D 214 -3.96 -19.15 6.56
CA LEU D 214 -3.57 -18.42 5.36
C LEU D 214 -3.55 -16.91 5.56
N HIS D 215 -4.40 -16.43 6.47
CA HIS D 215 -4.52 -14.99 6.76
C HIS D 215 -3.33 -14.45 7.56
N GLU D 216 -2.53 -15.34 8.14
CA GLU D 216 -1.35 -14.96 8.91
C GLU D 216 -0.23 -14.41 8.03
N TYR D 217 -0.19 -14.87 6.78
CA TYR D 217 0.85 -14.49 5.82
C TYR D 217 0.52 -13.17 5.13
N SER D 218 1.54 -12.58 4.49
CA SER D 218 1.38 -11.36 3.70
C SER D 218 0.73 -11.67 2.36
N THR D 219 0.16 -10.65 1.73
CA THR D 219 -0.53 -10.79 0.44
C THR D 219 0.32 -11.53 -0.60
N SER D 220 1.57 -11.09 -0.76
CA SER D 220 2.49 -11.70 -1.72
C SER D 220 2.81 -13.16 -1.40
N GLU D 221 2.83 -13.49 -0.10
CA GLU D 221 3.03 -14.86 0.35
C GLU D 221 1.81 -15.73 0.03
N ILE D 222 0.62 -15.18 0.26
CA ILE D 222 -0.65 -15.86 -0.05
C ILE D 222 -0.78 -16.10 -1.55
N ARG D 223 -0.50 -15.05 -2.33
CA ARG D 223 -0.48 -15.14 -3.80
C ARG D 223 0.32 -16.34 -4.29
N ASP D 224 1.53 -16.50 -3.76
CA ASP D 224 2.43 -17.58 -4.16
C ASP D 224 1.95 -18.96 -3.71
N ILE D 225 1.38 -19.02 -2.51
CA ILE D 225 0.83 -20.27 -1.96
C ILE D 225 -0.36 -20.77 -2.79
N LEU D 226 -1.25 -19.84 -3.16
CA LEU D 226 -2.43 -20.18 -3.95
C LEU D 226 -2.11 -20.60 -5.38
N MET D 227 -1.07 -20.00 -5.94
CA MET D 227 -0.67 -20.26 -7.33
C MET D 227 0.00 -21.63 -7.52
N THR D 228 0.34 -22.29 -6.42
CA THR D 228 0.90 -23.64 -6.46
C THR D 228 -0.12 -24.65 -7.01
N ILE D 229 -1.40 -24.37 -6.77
CA ILE D 229 -2.49 -25.15 -7.35
C ILE D 229 -2.48 -24.95 -8.87
N ASN D 230 -2.50 -26.06 -9.60
CA ASN D 230 -2.61 -26.02 -11.05
C ASN D 230 -3.95 -25.40 -11.44
N GLY D 231 -3.89 -24.37 -12.28
CA GLY D 231 -5.09 -23.66 -12.72
C GLY D 231 -5.40 -22.40 -11.95
N VAL D 232 -4.56 -22.07 -10.97
CA VAL D 232 -4.66 -20.82 -10.23
C VAL D 232 -3.48 -19.92 -10.57
N GLY D 233 -3.77 -18.76 -11.14
CA GLY D 233 -2.76 -17.77 -11.47
C GLY D 233 -2.96 -16.50 -10.64
N PRO D 234 -2.59 -15.34 -11.21
CA PRO D 234 -2.71 -14.05 -10.52
C PRO D 234 -4.16 -13.62 -10.22
N LYS D 235 -5.01 -13.60 -11.25
CA LYS D 235 -6.39 -13.12 -11.11
C LYS D 235 -7.22 -13.94 -10.12
N VAL D 236 -7.17 -15.26 -10.24
CA VAL D 236 -7.91 -16.16 -9.36
C VAL D 236 -7.44 -15.98 -7.92
N ALA D 237 -6.12 -15.93 -7.72
CA ALA D 237 -5.54 -15.71 -6.39
C ALA D 237 -5.92 -14.34 -5.85
N ASP D 238 -5.85 -13.32 -6.70
CA ASP D 238 -6.21 -11.95 -6.32
C ASP D 238 -7.65 -11.86 -5.83
N CYS D 239 -8.54 -12.60 -6.49
CA CYS D 239 -9.95 -12.64 -6.11
C CYS D 239 -10.17 -13.33 -4.77
N VAL D 240 -9.43 -14.40 -4.52
CA VAL D 240 -9.49 -15.12 -3.24
C VAL D 240 -9.00 -14.22 -2.10
N ILE D 241 -7.94 -13.46 -2.36
CA ILE D 241 -7.38 -12.53 -1.39
C ILE D 241 -8.34 -11.39 -1.07
N LEU D 242 -8.95 -10.81 -2.10
CA LEU D 242 -9.88 -9.70 -1.91
C LEU D 242 -11.23 -10.15 -1.32
N TYR D 243 -11.85 -11.17 -1.94
CA TYR D 243 -13.21 -11.56 -1.58
C TYR D 243 -13.32 -12.51 -0.39
N SER D 244 -12.19 -13.03 0.10
CA SER D 244 -12.22 -13.94 1.23
C SER D 244 -11.32 -13.52 2.41
N ILE D 245 -10.10 -13.09 2.11
CA ILE D 245 -9.16 -12.68 3.15
C ILE D 245 -9.39 -11.22 3.55
N GLY D 246 -9.94 -10.44 2.62
CA GLY D 246 -10.31 -9.05 2.90
C GLY D 246 -9.15 -8.08 2.93
N ARG D 247 -8.18 -8.31 2.04
CA ARG D 247 -7.06 -7.39 1.86
C ARG D 247 -7.43 -6.40 0.76
N TYR D 248 -7.71 -5.17 1.17
CA TYR D 248 -8.29 -4.17 0.26
C TYR D 248 -7.25 -3.35 -0.52
N ASP D 249 -5.97 -3.61 -0.27
CA ASP D 249 -4.89 -2.96 -1.01
C ASP D 249 -4.53 -3.71 -2.30
N THR D 250 -5.46 -4.53 -2.78
CA THR D 250 -5.29 -5.28 -4.02
C THR D 250 -6.30 -4.81 -5.08
N PHE D 251 -6.04 -5.18 -6.33
CA PHE D 251 -6.86 -4.78 -7.46
C PHE D 251 -6.87 -5.88 -8.52
N PRO D 252 -7.76 -6.88 -8.36
CA PRO D 252 -7.84 -7.99 -9.32
C PRO D 252 -8.21 -7.49 -10.72
N THR D 253 -7.40 -7.84 -11.70
CA THR D 253 -7.58 -7.32 -13.06
C THR D 253 -8.10 -8.37 -14.03
N ASP D 254 -9.41 -8.32 -14.29
CA ASP D 254 -10.02 -9.10 -15.36
C ASP D 254 -9.91 -8.31 -16.66
N VAL D 255 -10.18 -8.98 -17.78
CA VAL D 255 -10.15 -8.35 -19.11
C VAL D 255 -11.00 -7.06 -19.12
N TRP D 256 -11.98 -7.01 -18.22
CA TRP D 256 -12.90 -5.88 -18.10
C TRP D 256 -12.29 -4.64 -17.47
N ILE D 257 -11.97 -4.72 -16.18
CA ILE D 257 -11.45 -3.57 -15.44
C ILE D 257 -10.21 -2.98 -16.13
N LYS D 258 -9.55 -3.81 -16.93
CA LYS D 258 -8.46 -3.38 -17.80
C LYS D 258 -9.00 -2.36 -18.82
N ARG D 259 -9.95 -2.80 -19.64
CA ARG D 259 -10.60 -1.95 -20.64
C ARG D 259 -11.24 -0.71 -20.01
N ILE D 260 -11.83 -0.88 -18.84
CA ILE D 260 -12.49 0.21 -18.11
C ILE D 260 -11.49 1.30 -17.70
N VAL D 261 -10.37 0.89 -17.12
CA VAL D 261 -9.33 1.83 -16.68
C VAL D 261 -8.59 2.45 -17.88
N GLU D 262 -8.32 1.65 -18.90
CA GLU D 262 -7.66 2.14 -20.13
C GLU D 262 -8.39 3.33 -20.75
N HIS D 263 -9.69 3.19 -20.96
CA HIS D 263 -10.50 4.22 -21.60
C HIS D 263 -10.83 5.40 -20.68
N LEU D 264 -10.69 5.21 -19.37
CA LEU D 264 -11.08 6.22 -18.40
C LEU D 264 -9.94 6.94 -17.67
N TYR D 265 -8.74 6.36 -17.73
CA TYR D 265 -7.59 6.93 -17.02
C TYR D 265 -6.38 7.24 -17.92
N LEU D 266 -5.78 6.20 -18.49
CA LEU D 266 -4.58 6.34 -19.29
C LEU D 266 -4.88 6.85 -20.70
N LYS D 267 -6.04 6.46 -21.22
CA LYS D 267 -6.46 6.75 -22.61
C LYS D 267 -5.48 6.18 -23.65
N ARG D 268 -5.20 4.88 -23.49
CA ARG D 268 -4.34 4.12 -24.40
C ARG D 268 -4.62 2.63 -24.26
N GLU D 269 -3.56 1.81 -24.22
CA GLU D 269 -3.66 0.40 -23.91
C GLU D 269 -2.59 0.01 -22.89
N GLY D 270 -2.77 -1.15 -22.26
CA GLY D 270 -1.81 -1.63 -21.27
C GLY D 270 -2.04 -3.06 -20.83
N THR D 271 -1.01 -3.64 -20.22
CA THR D 271 -1.06 -5.01 -19.70
C THR D 271 -1.73 -5.04 -18.32
N PRO D 272 -2.32 -6.19 -17.94
CA PRO D 272 -3.01 -6.36 -16.65
C PRO D 272 -2.20 -5.89 -15.42
N VAL D 273 -0.89 -6.13 -15.44
CA VAL D 273 -0.03 -5.85 -14.28
C VAL D 273 0.22 -4.36 -14.04
N GLU D 274 0.52 -3.62 -15.12
CA GLU D 274 0.82 -2.18 -15.01
C GLU D 274 -0.41 -1.35 -14.65
N ILE D 275 -1.59 -1.78 -15.11
CA ILE D 275 -2.86 -1.16 -14.73
C ILE D 275 -3.15 -1.42 -13.25
N GLN D 276 -2.81 -2.63 -12.79
CA GLN D 276 -2.95 -3.02 -11.40
C GLN D 276 -2.10 -2.13 -10.49
N LEU D 277 -0.85 -1.89 -10.88
CA LEU D 277 0.07 -1.05 -10.12
C LEU D 277 -0.37 0.42 -10.10
N PHE D 278 -0.91 0.89 -11.21
CA PHE D 278 -1.45 2.26 -11.30
C PHE D 278 -2.60 2.46 -10.31
N ALA D 279 -3.52 1.51 -10.28
CA ALA D 279 -4.70 1.58 -9.42
C ALA D 279 -4.35 1.48 -7.93
N ILE D 280 -3.45 0.55 -7.60
CA ILE D 280 -2.99 0.39 -6.21
C ILE D 280 -2.24 1.65 -5.74
N ASP D 281 -1.52 2.30 -6.65
CA ASP D 281 -0.83 3.56 -6.37
C ASP D 281 -1.82 4.67 -6.05
N LYS D 282 -2.82 4.84 -6.92
CA LYS D 282 -3.78 5.94 -6.80
C LYS D 282 -4.77 5.77 -5.64
N PHE D 283 -5.23 4.54 -5.43
CA PHE D 283 -6.28 4.27 -4.44
C PHE D 283 -5.75 3.77 -3.09
N GLY D 284 -4.71 2.94 -3.13
CA GLY D 284 -4.07 2.43 -1.92
C GLY D 284 -4.89 1.39 -1.19
N ASP D 285 -5.19 1.65 0.09
CA ASP D 285 -5.94 0.72 0.93
C ASP D 285 -7.44 0.71 0.65
N LEU D 286 -7.84 1.40 -0.43
CA LEU D 286 -9.23 1.43 -0.87
C LEU D 286 -9.36 0.99 -2.33
N SER D 287 -8.33 0.30 -2.82
CA SER D 287 -8.29 -0.18 -4.20
C SER D 287 -9.36 -1.23 -4.48
N GLY D 288 -9.54 -2.15 -3.54
CA GLY D 288 -10.54 -3.22 -3.66
C GLY D 288 -11.95 -2.69 -3.83
N PHE D 289 -12.30 -1.70 -3.01
CA PHE D 289 -13.61 -1.05 -3.09
C PHE D 289 -13.76 -0.30 -4.41
N ALA D 290 -12.68 0.37 -4.83
CA ALA D 290 -12.67 1.13 -6.07
C ALA D 290 -12.90 0.23 -7.29
N GLN D 291 -12.33 -0.98 -7.25
CA GLN D 291 -12.52 -1.96 -8.31
C GLN D 291 -13.99 -2.32 -8.48
N GLN D 292 -14.69 -2.49 -7.37
CA GLN D 292 -16.11 -2.85 -7.37
C GLN D 292 -16.99 -1.73 -7.95
N TYR D 293 -16.66 -0.49 -7.62
CA TYR D 293 -17.40 0.67 -8.12
C TYR D 293 -17.21 0.89 -9.61
N LEU D 294 -16.03 0.55 -10.12
CA LEU D 294 -15.72 0.67 -11.54
C LEU D 294 -16.26 -0.50 -12.36
N PHE D 295 -16.29 -1.68 -11.75
CA PHE D 295 -16.79 -2.89 -12.39
C PHE D 295 -18.29 -2.78 -12.71
N TYR D 296 -19.08 -2.53 -11.67
CA TYR D 296 -20.53 -2.40 -11.82
C TYR D 296 -20.92 -1.22 -12.70
N TYR D 297 -20.05 -0.21 -12.74
CA TYR D 297 -20.23 0.96 -13.61
C TYR D 297 -19.93 0.61 -15.07
N GLY D 298 -18.95 -0.28 -15.28
CA GLY D 298 -18.59 -0.73 -16.63
C GLY D 298 -19.67 -1.57 -17.28
N ARG D 299 -20.48 -2.23 -16.47
CA ARG D 299 -21.61 -3.04 -16.93
C ARG D 299 -22.87 -2.19 -17.08
N GLU D 300 -23.00 -1.18 -16.21
CA GLU D 300 -24.11 -0.23 -16.24
C GLU D 300 -24.10 0.58 -17.54
N MET D 301 -22.90 0.99 -17.96
CA MET D 301 -22.73 1.71 -19.21
C MET D 301 -22.95 0.79 -20.41
N GLY D 302 -22.32 -0.39 -20.37
CA GLY D 302 -22.36 -1.35 -21.48
C GLY D 302 -22.02 -0.67 -22.79
N LYS D 303 -21.04 0.22 -22.75
CA LYS D 303 -20.70 1.13 -23.84
C LYS D 303 -20.18 0.41 -25.08
O5' 3DR E 9 -15.38 -13.10 -19.26
P 3DR E 9 -16.80 -12.48 -19.72
OP1 3DR E 9 -17.79 -12.72 -18.60
OP2 3DR E 9 -16.58 -11.08 -20.23
C2' 3DR E 9 -10.74 -13.67 -20.34
C5' 3DR E 9 -14.15 -12.64 -19.83
C4' 3DR E 9 -13.10 -13.74 -19.75
O4' 3DR E 9 -12.92 -14.40 -21.01
C1' 3DR E 9 -11.54 -14.45 -21.38
C3' 3DR E 9 -11.77 -13.16 -19.35
O3' 3DR E 9 -11.45 -13.58 -18.02
#